data_5GPY
#
_entry.id   5GPY
#
_cell.length_a   51.520
_cell.length_b   69.200
_cell.length_c   116.530
_cell.angle_alpha   90.00
_cell.angle_beta   90.00
_cell.angle_gamma   90.00
#
_symmetry.space_group_name_H-M   'P 21 21 21'
#
loop_
_entity.id
_entity.type
_entity.pdbx_description
1 polymer 'General transcription factor IIE subunit 1'
2 polymer 'Transcription initiation factor IIE subunit beta'
3 non-polymer 'ZINC ION'
4 water water
#
loop_
_entity_poly.entity_id
_entity_poly.type
_entity_poly.pdbx_seq_one_letter_code
_entity_poly.pdbx_strand_id
1 'polypeptide(L)'
;GSHMADPDVLTEVPAALKRLAKYVIRGFYGIEHALALDILIRNSCVKEEDMLELLKFDRKQLRSVLNNLKGDKFIKCRMR
VETAADGKTTRHNYYFINYRTLVNVVKYKLDHMRRRIETDERDSTNRASFKCPVCSSTFTDLEANQLFDPMTGTFRCTFC
HTEVEEDESAMPKKDARTLLARFNEQIEPIYALLRETEDVNLAYEILEPEPTEIPALKQS
;
A
2 'polypeptide(L)'
;GSHMPKYNVRDKKALLRLLDQHDQRGLGGILLEDIEEALPNSQKAVKALGDQILFVNRPDKKKILFFNDKSCQFSVDEEF
QKLWRSVTVDSMDEEKIEEYLKRQGISS
;
B
#
# COMPACT_ATOMS: atom_id res chain seq x y z
N VAL A 13 -14.83 7.74 -15.95
CA VAL A 13 -14.35 7.66 -14.57
C VAL A 13 -13.74 8.98 -14.11
N PRO A 14 -14.30 9.56 -13.05
CA PRO A 14 -13.84 10.83 -12.47
C PRO A 14 -12.35 10.81 -12.15
N ALA A 15 -11.66 11.90 -12.45
CA ALA A 15 -10.22 11.98 -12.28
C ALA A 15 -9.80 11.74 -10.83
N ALA A 16 -10.64 12.21 -9.90
CA ALA A 16 -10.34 12.11 -8.46
C ALA A 16 -10.37 10.66 -7.96
N LEU A 17 -11.24 9.85 -8.55
CA LEU A 17 -11.27 8.41 -8.26
C LEU A 17 -10.00 7.74 -8.73
N LYS A 18 -9.54 8.13 -9.92
CA LYS A 18 -8.34 7.55 -10.49
C LYS A 18 -7.17 7.89 -9.60
N ARG A 19 -7.11 9.15 -9.16
CA ARG A 19 -5.99 9.62 -8.37
C ARG A 19 -5.99 8.94 -7.00
N LEU A 20 -7.15 8.81 -6.38
CA LEU A 20 -7.24 8.09 -5.12
C LEU A 20 -6.63 6.71 -5.24
N ALA A 21 -7.07 5.95 -6.23
CA ALA A 21 -6.55 4.61 -6.44
C ALA A 21 -5.04 4.61 -6.70
N LYS A 22 -4.56 5.59 -7.48
CA LYS A 22 -3.13 5.66 -7.79
C LYS A 22 -2.30 5.98 -6.54
N TYR A 23 -2.78 6.91 -5.75
CA TYR A 23 -2.09 7.26 -4.50
C TYR A 23 -2.06 6.07 -3.55
N VAL A 24 -3.22 5.46 -3.34
CA VAL A 24 -3.31 4.38 -2.35
C VAL A 24 -2.45 3.17 -2.79
N ILE A 25 -2.44 2.85 -4.08
CA ILE A 25 -1.69 1.69 -4.52
C ILE A 25 -0.19 1.94 -4.32
N ARG A 26 0.25 3.18 -4.46
CA ARG A 26 1.67 3.49 -4.34
C ARG A 26 2.10 3.50 -2.89
N GLY A 27 1.22 4.02 -2.04
CA GLY A 27 1.52 4.14 -0.62
C GLY A 27 1.57 2.84 0.15
N PHE A 28 0.70 1.88 -0.22
CA PHE A 28 0.47 0.71 0.62
C PHE A 28 0.73 -0.64 -0.05
N TYR A 29 1.08 -0.62 -1.35
CA TYR A 29 1.39 -1.84 -2.11
C TYR A 29 2.72 -1.64 -2.86
N GLY A 30 3.33 -2.71 -3.36
CA GLY A 30 4.59 -2.60 -4.09
C GLY A 30 4.55 -1.92 -5.47
N ILE A 31 5.73 -1.70 -6.06
CA ILE A 31 5.85 -1.20 -7.42
C ILE A 31 5.02 -2.06 -8.38
N GLU A 32 5.12 -3.37 -8.20
CA GLU A 32 4.45 -4.33 -9.09
C GLU A 32 2.97 -4.10 -9.15
N HIS A 33 2.40 -3.78 -7.99
CA HIS A 33 0.97 -3.56 -7.87
C HIS A 33 0.58 -2.27 -8.56
N ALA A 34 1.43 -1.25 -8.41
CA ALA A 34 1.15 0.06 -9.01
C ALA A 34 1.12 -0.04 -10.52
N LEU A 35 2.11 -0.76 -11.09
CA LEU A 35 2.22 -0.89 -12.54
C LEU A 35 1.09 -1.71 -13.12
N ALA A 36 0.71 -2.78 -12.42
CA ALA A 36 -0.46 -3.56 -12.84
C ALA A 36 -1.69 -2.67 -12.83
N LEU A 37 -1.89 -1.93 -11.75
CA LEU A 37 -3.08 -1.08 -11.66
C LEU A 37 -3.12 0.02 -12.73
N ASP A 38 -1.95 0.53 -13.15
CA ASP A 38 -1.87 1.56 -14.19
C ASP A 38 -2.58 1.14 -15.48
N ILE A 39 -2.49 -0.15 -15.77
CA ILE A 39 -3.06 -0.73 -16.97
C ILE A 39 -4.58 -0.70 -16.88
N LEU A 40 -5.06 -1.04 -15.70
CA LEU A 40 -6.49 -1.06 -15.41
C LEU A 40 -7.05 0.35 -15.29
N ILE A 41 -6.18 1.34 -15.13
CA ILE A 41 -6.62 2.72 -15.16
C ILE A 41 -6.67 3.22 -16.61
N ARG A 42 -5.67 2.86 -17.41
CA ARG A 42 -5.67 3.18 -18.85
C ARG A 42 -6.87 2.58 -19.57
N ASN A 43 -7.21 1.35 -19.24
CA ASN A 43 -8.26 0.61 -19.94
C ASN A 43 -9.29 0.09 -18.94
N SER A 44 -10.57 0.12 -19.29
CA SER A 44 -11.60 -0.28 -18.33
C SER A 44 -11.43 -1.75 -17.93
N CYS A 45 -11.30 -2.62 -18.93
CA CYS A 45 -11.31 -4.06 -18.73
C CYS A 45 -10.13 -4.69 -19.47
N VAL A 46 -9.25 -5.42 -18.79
CA VAL A 46 -8.08 -6.03 -19.47
C VAL A 46 -7.86 -7.52 -19.15
N LYS A 47 -7.62 -8.30 -20.20
CA LYS A 47 -7.20 -9.71 -20.10
C LYS A 47 -5.91 -9.89 -19.32
N GLU A 48 -5.87 -10.88 -18.44
CA GLU A 48 -4.66 -11.17 -17.66
C GLU A 48 -3.47 -11.43 -18.59
N GLU A 49 -3.71 -12.17 -19.66
CA GLU A 49 -2.69 -12.45 -20.68
C GLU A 49 -2.12 -11.17 -21.29
N ASP A 50 -2.99 -10.22 -21.61
CA ASP A 50 -2.50 -8.94 -22.14
C ASP A 50 -1.69 -8.22 -21.08
N MET A 51 -2.16 -8.24 -19.82
CA MET A 51 -1.40 -7.60 -18.75
C MET A 51 -0.03 -8.26 -18.63
N LEU A 52 -0.01 -9.58 -18.79
CA LEU A 52 1.20 -10.34 -18.61
C LEU A 52 2.23 -9.93 -19.66
N GLU A 53 1.81 -9.85 -20.91
CA GLU A 53 2.72 -9.50 -21.98
C GLU A 53 3.20 -8.07 -21.85
N LEU A 54 2.33 -7.20 -21.36
CA LEU A 54 2.71 -5.79 -21.23
C LEU A 54 3.75 -5.62 -20.14
N LEU A 55 3.53 -6.26 -19.00
CA LEU A 55 4.40 -6.04 -17.84
C LEU A 55 5.70 -6.84 -17.88
N LYS A 56 5.71 -7.97 -18.58
CA LYS A 56 6.88 -8.88 -18.68
C LYS A 56 7.17 -9.57 -17.35
N PHE A 57 6.17 -9.58 -16.48
CA PHE A 57 6.24 -10.32 -15.23
C PHE A 57 6.27 -11.80 -15.54
N ASP A 58 6.77 -12.60 -14.59
CA ASP A 58 6.56 -14.03 -14.62
C ASP A 58 5.08 -14.31 -14.39
N ARG A 59 4.59 -15.44 -14.88
CA ARG A 59 3.16 -15.80 -14.75
C ARG A 59 2.66 -15.87 -13.28
N LYS A 60 3.37 -16.61 -12.44
CA LYS A 60 3.02 -16.70 -11.02
C LYS A 60 3.18 -15.36 -10.34
N GLN A 61 4.20 -14.61 -10.73
CA GLN A 61 4.40 -13.27 -10.17
C GLN A 61 3.20 -12.35 -10.40
N LEU A 62 2.67 -12.35 -11.62
CA LEU A 62 1.52 -11.49 -11.91
C LEU A 62 0.28 -11.98 -11.18
N ARG A 63 0.01 -13.28 -11.27
CA ARG A 63 -1.16 -13.88 -10.65
C ARG A 63 -1.22 -13.57 -9.15
N SER A 64 -0.06 -13.63 -8.51
CA SER A 64 0.06 -13.28 -7.10
C SER A 64 -0.26 -11.81 -6.83
N VAL A 65 0.19 -10.93 -7.72
CA VAL A 65 -0.16 -9.52 -7.57
C VAL A 65 -1.67 -9.33 -7.76
N LEU A 66 -2.22 -9.96 -8.78
CA LEU A 66 -3.65 -9.81 -9.03
C LEU A 66 -4.45 -10.43 -7.88
N ASN A 67 -3.96 -11.53 -7.31
CA ASN A 67 -4.67 -12.21 -6.24
C ASN A 67 -4.77 -11.33 -5.00
N ASN A 68 -3.71 -10.59 -4.77
CA ASN A 68 -3.61 -9.67 -3.66
C ASN A 68 -4.57 -8.50 -3.84
N LEU A 69 -4.60 -7.93 -5.05
CA LEU A 69 -5.49 -6.80 -5.30
C LEU A 69 -6.96 -7.20 -5.30
N LYS A 70 -7.24 -8.45 -5.67
CA LYS A 70 -8.60 -8.98 -5.65
C LYS A 70 -9.05 -9.29 -4.22
N GLY A 71 -8.11 -9.70 -3.38
CA GLY A 71 -8.40 -9.99 -2.00
C GLY A 71 -8.73 -8.74 -1.22
N ASP A 72 -8.05 -7.65 -1.55
CA ASP A 72 -8.28 -6.35 -0.91
C ASP A 72 -9.42 -5.61 -1.63
N LYS A 73 -10.11 -6.34 -2.50
CA LYS A 73 -11.25 -5.84 -3.24
C LYS A 73 -11.00 -4.61 -4.11
N PHE A 74 -9.75 -4.34 -4.48
CA PHE A 74 -9.48 -3.22 -5.38
C PHE A 74 -9.87 -3.54 -6.81
N ILE A 75 -9.72 -4.80 -7.20
CA ILE A 75 -10.02 -5.19 -8.58
C ILE A 75 -10.89 -6.41 -8.53
N LYS A 76 -11.70 -6.55 -9.57
CA LYS A 76 -12.54 -7.73 -9.72
C LYS A 76 -12.16 -8.43 -11.02
N CYS A 77 -12.74 -9.60 -11.20
CA CYS A 77 -12.42 -10.49 -12.30
C CYS A 77 -13.72 -11.00 -12.92
N ARG A 78 -13.80 -11.01 -14.24
CA ARG A 78 -14.88 -11.68 -14.94
C ARG A 78 -14.31 -12.65 -15.97
N MET A 79 -14.74 -13.91 -15.92
CA MET A 79 -14.25 -14.89 -16.86
C MET A 79 -15.04 -14.80 -18.15
N ARG A 80 -14.35 -14.97 -19.27
CA ARG A 80 -15.04 -15.20 -20.53
C ARG A 80 -14.66 -16.57 -21.03
N VAL A 81 -15.68 -17.35 -21.36
CA VAL A 81 -15.50 -18.72 -21.79
C VAL A 81 -16.11 -18.82 -23.18
N GLU A 82 -15.28 -19.23 -24.14
CA GLU A 82 -15.59 -19.22 -25.57
C GLU A 82 -15.01 -20.46 -26.23
N THR A 83 -15.49 -20.79 -27.41
CA THR A 83 -14.83 -21.78 -28.25
C THR A 83 -13.80 -21.08 -29.10
N ALA A 84 -12.54 -21.52 -29.03
CA ALA A 84 -11.47 -20.91 -29.80
C ALA A 84 -11.50 -21.36 -31.24
N ALA A 85 -10.59 -20.78 -32.03
CA ALA A 85 -10.52 -21.12 -33.45
C ALA A 85 -10.14 -22.58 -33.66
N ASP A 86 -9.30 -23.12 -32.79
CA ASP A 86 -8.93 -24.54 -32.91
C ASP A 86 -9.99 -25.45 -32.28
N GLY A 87 -11.14 -24.89 -31.91
CA GLY A 87 -12.24 -25.69 -31.41
C GLY A 87 -12.22 -25.98 -29.91
N LYS A 88 -11.12 -25.64 -29.25
CA LYS A 88 -11.02 -25.95 -27.83
C LYS A 88 -11.73 -24.88 -27.03
N THR A 89 -11.98 -25.19 -25.76
CA THR A 89 -12.63 -24.23 -24.90
C THR A 89 -11.57 -23.32 -24.33
N THR A 90 -11.89 -22.03 -24.30
CA THR A 90 -11.00 -20.96 -23.91
C THR A 90 -11.53 -20.25 -22.66
N ARG A 91 -10.67 -20.03 -21.67
CA ARG A 91 -11.06 -19.31 -20.45
C ARG A 91 -10.19 -18.08 -20.20
N HIS A 92 -10.69 -16.90 -20.58
CA HIS A 92 -9.99 -15.64 -20.33
C HIS A 92 -10.44 -14.95 -19.05
N ASN A 93 -9.50 -14.44 -18.26
CA ASN A 93 -9.86 -13.62 -17.09
C ASN A 93 -9.66 -12.12 -17.35
N TYR A 94 -10.76 -11.38 -17.38
CA TYR A 94 -10.72 -9.94 -17.62
C TYR A 94 -10.78 -9.20 -16.30
N TYR A 95 -9.80 -8.34 -16.04
CA TYR A 95 -9.76 -7.61 -14.78
C TYR A 95 -10.19 -6.16 -14.94
N PHE A 96 -10.74 -5.59 -13.87
CA PHE A 96 -11.11 -4.18 -13.89
C PHE A 96 -11.09 -3.62 -12.48
N ILE A 97 -10.95 -2.31 -12.37
CA ILE A 97 -10.98 -1.69 -11.06
C ILE A 97 -12.43 -1.49 -10.65
N ASN A 98 -12.72 -1.86 -9.42
CA ASN A 98 -14.08 -1.73 -8.88
C ASN A 98 -14.07 -0.59 -7.88
N TYR A 99 -14.37 0.61 -8.36
CA TYR A 99 -14.14 1.81 -7.57
C TYR A 99 -15.02 1.91 -6.32
N ARG A 100 -16.23 1.38 -6.36
CA ARG A 100 -17.07 1.47 -5.18
C ARG A 100 -16.50 0.60 -4.06
N THR A 101 -16.07 -0.61 -4.38
CA THR A 101 -15.47 -1.46 -3.36
C THR A 101 -14.10 -0.94 -2.91
N LEU A 102 -13.35 -0.32 -3.83
CA LEU A 102 -12.01 0.18 -3.49
C LEU A 102 -12.10 1.31 -2.47
N VAL A 103 -13.00 2.26 -2.70
CA VAL A 103 -13.18 3.36 -1.79
C VAL A 103 -13.61 2.89 -0.40
N ASN A 104 -14.49 1.89 -0.35
CA ASN A 104 -14.93 1.35 0.93
C ASN A 104 -13.82 0.67 1.73
N VAL A 105 -12.98 -0.12 1.04
CA VAL A 105 -11.90 -0.84 1.71
C VAL A 105 -10.91 0.17 2.25
N VAL A 106 -10.65 1.22 1.47
CA VAL A 106 -9.74 2.27 1.88
C VAL A 106 -10.25 2.94 3.18
N LYS A 107 -11.53 3.29 3.21
CA LYS A 107 -12.11 3.90 4.40
C LYS A 107 -12.05 2.92 5.57
N TYR A 108 -12.35 1.65 5.29
CA TYR A 108 -12.35 0.63 6.32
C TYR A 108 -10.96 0.48 6.95
N LYS A 109 -9.95 0.36 6.11
CA LYS A 109 -8.59 0.21 6.58
C LYS A 109 -8.09 1.46 7.30
N LEU A 110 -8.40 2.65 6.79
CA LEU A 110 -7.89 3.85 7.44
C LEU A 110 -8.57 4.07 8.81
N ASP A 111 -9.81 3.59 8.94
CA ASP A 111 -10.54 3.83 10.18
C ASP A 111 -9.96 2.93 11.24
N HIS A 112 -9.70 1.67 10.89
CA HIS A 112 -9.11 0.73 11.83
C HIS A 112 -7.67 1.07 12.18
N MET A 113 -6.91 1.57 11.22
CA MET A 113 -5.54 1.98 11.53
C MET A 113 -5.53 3.10 12.57
N ARG A 114 -6.36 4.13 12.35
CA ARG A 114 -6.45 5.23 13.29
C ARG A 114 -6.80 4.71 14.70
N ARG A 115 -7.85 3.88 14.76
CA ARG A 115 -8.32 3.33 16.01
C ARG A 115 -7.29 2.45 16.73
N ARG A 116 -6.43 1.80 15.97
CA ARG A 116 -5.41 0.96 16.58
C ARG A 116 -4.34 1.85 17.21
N ILE A 117 -4.01 2.93 16.51
CA ILE A 117 -3.07 3.92 16.99
C ILE A 117 -3.61 4.60 18.26
N GLU A 118 -4.87 4.99 18.21
CA GLU A 118 -5.53 5.62 19.34
C GLU A 118 -5.52 4.70 20.55
N THR A 119 -5.81 3.42 20.31
CA THR A 119 -5.81 2.43 21.38
C THR A 119 -4.41 2.29 21.96
N ASP A 120 -3.40 2.30 21.09
CA ASP A 120 -2.03 2.14 21.58
C ASP A 120 -1.64 3.35 22.42
N GLU A 121 -2.11 4.52 22.03
CA GLU A 121 -1.81 5.73 22.78
C GLU A 121 -2.49 5.70 24.16
N ARG A 122 -3.73 5.22 24.21
CA ARG A 122 -4.44 5.10 25.47
C ARG A 122 -3.76 4.10 26.39
N ASP A 123 -3.36 2.96 25.84
CA ASP A 123 -2.68 1.93 26.62
C ASP A 123 -1.38 2.46 27.23
N SER A 124 -0.60 3.18 26.42
CA SER A 124 0.70 3.66 26.86
C SER A 124 0.61 4.68 28.00
N THR A 125 -0.45 5.49 27.99
CA THR A 125 -0.63 6.47 29.05
C THR A 125 -1.24 5.86 30.30
N ASN A 126 -2.03 4.81 30.13
CA ASN A 126 -2.62 4.07 31.25
C ASN A 126 -1.72 2.93 31.70
N ARG A 127 -0.56 2.80 31.07
CA ARG A 127 0.40 1.76 31.42
C ARG A 127 0.64 1.74 32.93
N ALA A 128 0.62 0.55 33.52
CA ALA A 128 0.93 0.40 34.93
C ALA A 128 2.44 0.52 35.14
N SER A 129 2.94 1.75 35.29
CA SER A 129 4.37 1.98 35.41
C SER A 129 4.93 1.58 36.78
N PHE A 130 4.09 1.66 37.80
CA PHE A 130 4.52 1.40 39.18
C PHE A 130 3.60 0.36 39.81
N LYS A 131 4.14 -0.50 40.68
CA LYS A 131 3.34 -1.53 41.34
C LYS A 131 3.77 -1.73 42.79
N CYS A 132 2.80 -1.80 43.71
CA CYS A 132 3.11 -2.08 45.11
C CYS A 132 3.45 -3.55 45.25
N PRO A 133 4.61 -3.84 45.88
CA PRO A 133 5.05 -5.21 46.11
C PRO A 133 4.18 -5.93 47.15
N VAL A 134 3.37 -5.18 47.90
CA VAL A 134 2.51 -5.81 48.92
C VAL A 134 1.09 -6.02 48.41
N CYS A 135 0.36 -4.94 48.13
CA CYS A 135 -1.07 -5.07 47.83
C CYS A 135 -1.35 -5.15 46.32
N SER A 136 -0.29 -5.00 45.52
CA SER A 136 -0.33 -5.20 44.06
C SER A 136 -1.10 -4.12 43.32
N SER A 137 -1.46 -3.06 44.02
CA SER A 137 -2.00 -1.87 43.38
C SER A 137 -1.00 -1.34 42.37
N THR A 138 -1.49 -0.95 41.19
CA THR A 138 -0.63 -0.35 40.18
C THR A 138 -1.01 1.10 39.94
N PHE A 139 -0.03 1.87 39.46
CA PHE A 139 -0.19 3.31 39.24
C PHE A 139 0.43 3.73 37.92
N THR A 140 -0.19 4.68 37.23
CA THR A 140 0.33 5.26 36.01
C THR A 140 1.33 6.33 36.37
N ASP A 141 2.15 6.73 35.40
CA ASP A 141 3.15 7.79 35.59
C ASP A 141 2.56 9.07 36.15
N LEU A 142 1.35 9.39 35.72
CA LEU A 142 0.63 10.55 36.22
C LEU A 142 0.26 10.37 37.68
N GLU A 143 -0.21 9.18 38.02
CA GLU A 143 -0.57 8.85 39.41
C GLU A 143 0.68 8.80 40.30
N ALA A 144 1.79 8.40 39.69
CA ALA A 144 3.03 8.09 40.43
C ALA A 144 3.62 9.29 41.17
N ASN A 145 3.60 10.47 40.55
CA ASN A 145 4.23 11.63 41.16
C ASN A 145 3.53 12.11 42.43
N GLN A 146 2.21 11.86 42.52
CA GLN A 146 1.48 12.18 43.73
C GLN A 146 1.54 11.01 44.72
N LEU A 147 2.57 10.19 44.57
CA LEU A 147 2.88 9.11 45.50
C LEU A 147 4.18 9.41 46.24
N PHE A 148 4.90 10.43 45.76
CA PHE A 148 6.17 10.84 46.34
C PHE A 148 6.04 11.30 47.79
N ASP A 149 6.91 10.79 48.65
CA ASP A 149 6.92 11.19 50.06
C ASP A 149 8.18 11.99 50.36
N PRO A 150 8.03 13.31 50.52
CA PRO A 150 9.19 14.20 50.76
C PRO A 150 9.91 13.90 52.07
N MET A 151 9.24 13.19 52.98
CA MET A 151 9.81 12.89 54.29
C MET A 151 10.73 11.68 54.24
N THR A 152 10.49 10.80 53.27
CA THR A 152 11.35 9.63 53.06
C THR A 152 12.13 9.79 51.76
N GLY A 153 11.60 10.61 50.86
CA GLY A 153 12.22 10.85 49.58
C GLY A 153 11.85 9.82 48.52
N THR A 154 10.84 9.00 48.82
CA THR A 154 10.48 7.92 47.91
C THR A 154 9.00 7.88 47.56
N PHE A 155 8.65 7.12 46.51
CA PHE A 155 7.27 6.95 46.12
C PHE A 155 6.61 5.80 46.90
N ARG A 156 5.48 6.10 47.53
CA ARG A 156 4.83 5.15 48.44
C ARG A 156 3.36 4.96 48.07
N CYS A 157 2.93 3.69 48.04
CA CYS A 157 1.57 3.29 47.68
C CYS A 157 0.49 4.11 48.41
N THR A 158 -0.55 4.54 47.69
CA THR A 158 -1.59 5.35 48.33
C THR A 158 -2.42 4.55 49.32
N PHE A 159 -2.34 3.22 49.24
CA PHE A 159 -3.16 2.40 50.11
C PHE A 159 -2.39 1.87 51.31
N CYS A 160 -1.29 1.16 51.08
CA CYS A 160 -0.60 0.54 52.19
C CYS A 160 0.71 1.26 52.54
N HIS A 161 1.08 2.26 51.73
CA HIS A 161 2.24 3.12 51.97
C HIS A 161 3.60 2.42 51.83
N THR A 162 3.57 1.20 51.29
CA THR A 162 4.79 0.47 50.94
C THR A 162 5.49 1.09 49.72
N GLU A 163 6.82 1.09 49.73
CA GLU A 163 7.59 1.67 48.64
C GLU A 163 7.32 0.91 47.34
N VAL A 164 6.87 1.66 46.33
CA VAL A 164 6.46 1.09 45.05
C VAL A 164 7.66 0.80 44.15
N GLU A 165 7.49 -0.10 43.17
CA GLU A 165 8.55 -0.48 42.24
C GLU A 165 8.19 -0.24 40.78
N GLU A 166 9.22 0.03 39.97
CA GLU A 166 9.04 0.15 38.53
C GLU A 166 8.64 -1.17 37.86
N ASP A 167 7.88 -1.06 36.77
CA ASP A 167 7.55 -2.20 35.92
C ASP A 167 7.07 -3.39 36.75
N THR A 178 4.82 11.29 18.47
CA THR A 178 3.62 10.45 18.55
C THR A 178 3.24 9.90 17.18
N LEU A 179 2.82 8.65 17.17
CA LEU A 179 2.47 7.93 15.97
C LEU A 179 1.22 8.53 15.31
N LEU A 180 0.27 8.97 16.13
CA LEU A 180 -0.98 9.54 15.65
C LEU A 180 -0.75 10.82 14.86
N ALA A 181 0.08 11.70 15.41
CA ALA A 181 0.43 12.93 14.71
C ALA A 181 1.11 12.64 13.37
N ARG A 182 2.04 11.69 13.33
CA ARG A 182 2.68 11.28 12.06
C ARG A 182 1.65 10.77 11.05
N PHE A 183 0.80 9.88 11.52
CA PHE A 183 -0.25 9.26 10.74
C PHE A 183 -1.12 10.33 10.11
N ASN A 184 -1.58 11.26 10.94
CA ASN A 184 -2.45 12.34 10.46
C ASN A 184 -1.77 13.23 9.43
N GLU A 185 -0.46 13.45 9.59
CA GLU A 185 0.30 14.21 8.60
C GLU A 185 0.36 13.45 7.27
N GLN A 186 0.71 12.18 7.34
CA GLN A 186 0.98 11.42 6.13
C GLN A 186 -0.28 10.98 5.39
N ILE A 187 -1.40 10.90 6.09
CA ILE A 187 -2.61 10.36 5.51
C ILE A 187 -3.56 11.46 4.96
N GLU A 188 -3.29 12.72 5.28
CA GLU A 188 -4.19 13.80 4.87
C GLU A 188 -4.46 13.87 3.35
N PRO A 189 -3.43 13.65 2.50
CA PRO A 189 -3.75 13.58 1.06
C PRO A 189 -4.83 12.56 0.72
N ILE A 190 -4.85 11.41 1.38
CA ILE A 190 -5.88 10.41 1.09
C ILE A 190 -7.24 10.88 1.61
N TYR A 191 -7.28 11.41 2.83
CA TYR A 191 -8.52 11.99 3.37
C TYR A 191 -9.08 13.05 2.41
N ALA A 192 -8.20 13.91 1.89
CA ALA A 192 -8.61 14.95 0.95
C ALA A 192 -9.17 14.35 -0.33
N LEU A 193 -8.50 13.36 -0.90
CA LEU A 193 -9.01 12.72 -2.11
C LEU A 193 -10.31 11.96 -1.83
N LEU A 194 -10.42 11.38 -0.64
CA LEU A 194 -11.67 10.73 -0.25
C LEU A 194 -12.84 11.73 -0.28
N ARG A 195 -12.66 12.85 0.40
CA ARG A 195 -13.66 13.92 0.42
C ARG A 195 -14.02 14.41 -0.97
N GLU A 196 -13.01 14.60 -1.82
CA GLU A 196 -13.21 15.05 -3.19
C GLU A 196 -14.12 14.12 -3.99
N THR A 197 -14.12 12.84 -3.65
CA THR A 197 -14.88 11.84 -4.40
C THR A 197 -16.28 11.63 -3.86
N GLU A 198 -16.64 12.33 -2.80
CA GLU A 198 -17.86 12.03 -2.05
C GLU A 198 -19.17 12.23 -2.82
N ASP A 199 -19.11 12.53 -4.11
CA ASP A 199 -20.32 12.70 -4.92
C ASP A 199 -20.45 11.64 -6.01
N LYS B 6 17.28 -5.03 -31.35
CA LYS B 6 15.95 -5.09 -30.72
C LYS B 6 15.39 -3.69 -30.39
N TYR B 7 16.22 -2.83 -29.79
CA TYR B 7 15.89 -1.42 -29.60
C TYR B 7 17.01 -0.51 -30.12
N ASN B 8 16.65 0.65 -30.64
CA ASN B 8 17.63 1.64 -31.07
C ASN B 8 17.81 2.66 -29.97
N VAL B 9 18.82 2.49 -29.13
CA VAL B 9 19.06 3.39 -28.00
C VAL B 9 20.50 3.90 -28.01
N ARG B 10 20.67 5.11 -28.54
CA ARG B 10 22.00 5.71 -28.77
C ARG B 10 22.69 6.13 -27.47
N ASP B 11 21.93 6.75 -26.58
CA ASP B 11 22.49 7.41 -25.42
C ASP B 11 21.48 7.45 -24.28
N LYS B 12 21.84 8.17 -23.22
CA LYS B 12 20.99 8.30 -22.04
C LYS B 12 19.62 8.90 -22.40
N LYS B 13 19.66 9.99 -23.15
CA LYS B 13 18.46 10.71 -23.56
C LYS B 13 17.52 9.83 -24.36
N ALA B 14 18.06 9.09 -25.34
CA ALA B 14 17.28 8.11 -26.08
C ALA B 14 16.67 7.02 -25.17
N LEU B 15 17.39 6.63 -24.11
CA LEU B 15 16.85 5.67 -23.18
C LEU B 15 15.63 6.26 -22.46
N LEU B 16 15.76 7.50 -22.01
CA LEU B 16 14.65 8.11 -21.28
C LEU B 16 13.44 8.30 -22.19
N ARG B 17 13.68 8.73 -23.42
CA ARG B 17 12.57 8.98 -24.33
C ARG B 17 11.85 7.68 -24.67
N LEU B 18 12.60 6.60 -24.88
CA LEU B 18 11.99 5.31 -25.12
C LEU B 18 11.08 4.88 -23.95
N LEU B 19 11.55 5.05 -22.71
CA LEU B 19 10.78 4.66 -21.55
C LEU B 19 9.53 5.51 -21.42
N ASP B 20 9.71 6.80 -21.64
CA ASP B 20 8.63 7.77 -21.66
C ASP B 20 7.55 7.40 -22.68
N GLN B 21 7.97 7.09 -23.91
CA GLN B 21 7.03 6.79 -24.97
C GLN B 21 6.25 5.52 -24.67
N HIS B 22 6.93 4.54 -24.09
CA HIS B 22 6.29 3.29 -23.71
C HIS B 22 5.18 3.52 -22.70
N ASP B 23 5.45 4.37 -21.73
CA ASP B 23 4.49 4.80 -20.73
C ASP B 23 3.31 5.50 -21.40
N GLN B 24 3.62 6.50 -22.22
CA GLN B 24 2.55 7.24 -22.90
C GLN B 24 1.73 6.37 -23.83
N ARG B 25 2.34 5.36 -24.46
CA ARG B 25 1.62 4.63 -25.49
C ARG B 25 1.16 3.25 -25.03
N GLY B 26 1.36 2.94 -23.75
CA GLY B 26 0.93 1.67 -23.19
C GLY B 26 1.65 0.49 -23.81
N LEU B 27 2.94 0.66 -24.09
CA LEU B 27 3.72 -0.39 -24.74
C LEU B 27 4.36 -1.35 -23.75
N GLY B 28 4.39 -1.00 -22.47
CA GLY B 28 4.81 -1.96 -21.46
C GLY B 28 6.24 -1.87 -20.98
N GLY B 29 6.67 -2.88 -20.23
CA GLY B 29 7.99 -2.93 -19.65
C GLY B 29 9.06 -3.27 -20.69
N ILE B 30 10.29 -2.86 -20.40
CA ILE B 30 11.43 -3.20 -21.24
C ILE B 30 12.47 -3.94 -20.43
N LEU B 31 12.84 -5.15 -20.87
CA LEU B 31 13.88 -5.88 -20.17
C LEU B 31 15.21 -5.12 -20.19
N LEU B 32 15.88 -5.09 -19.03
CA LEU B 32 17.19 -4.47 -18.92
C LEU B 32 18.17 -5.08 -19.93
N GLU B 33 18.12 -6.40 -20.12
CA GLU B 33 19.12 -7.03 -20.99
C GLU B 33 18.99 -6.54 -22.44
N ASP B 34 17.78 -6.18 -22.88
CA ASP B 34 17.60 -5.64 -24.23
C ASP B 34 18.26 -4.26 -24.34
N ILE B 35 18.23 -3.51 -23.25
CA ILE B 35 18.87 -2.21 -23.21
C ILE B 35 20.39 -2.39 -23.22
N GLU B 36 20.87 -3.39 -22.48
CA GLU B 36 22.31 -3.65 -22.39
C GLU B 36 22.89 -4.02 -23.75
N GLU B 37 22.06 -4.64 -24.58
CA GLU B 37 22.50 -5.02 -25.91
C GLU B 37 22.59 -3.78 -26.80
N ALA B 38 21.63 -2.87 -26.65
CA ALA B 38 21.52 -1.68 -27.50
C ALA B 38 22.51 -0.57 -27.17
N LEU B 39 22.83 -0.42 -25.89
CA LEU B 39 23.52 0.77 -25.39
C LEU B 39 24.83 0.41 -24.71
N PRO B 40 25.96 0.75 -25.35
CA PRO B 40 27.26 0.50 -24.73
C PRO B 40 27.35 1.18 -23.38
N ASN B 41 27.99 0.54 -22.40
CA ASN B 41 28.15 1.12 -21.07
C ASN B 41 26.80 1.54 -20.49
N SER B 42 25.77 0.75 -20.75
CA SER B 42 24.41 1.06 -20.30
C SER B 42 24.34 1.40 -18.80
N GLN B 43 25.27 0.87 -18.00
CA GLN B 43 25.20 1.10 -16.56
C GLN B 43 25.34 2.58 -16.20
N LYS B 44 26.19 3.30 -16.93
CA LYS B 44 26.35 4.74 -16.77
C LYS B 44 25.04 5.47 -17.03
N ALA B 45 24.42 5.22 -18.18
CA ALA B 45 23.17 5.92 -18.52
C ALA B 45 22.07 5.61 -17.52
N VAL B 46 21.91 4.33 -17.20
CA VAL B 46 20.83 3.92 -16.31
C VAL B 46 21.01 4.56 -14.94
N LYS B 47 22.24 4.58 -14.42
CA LYS B 47 22.48 5.20 -13.12
C LYS B 47 22.25 6.69 -13.16
N ALA B 48 22.69 7.35 -14.23
CA ALA B 48 22.53 8.79 -14.40
C ALA B 48 21.06 9.21 -14.31
N LEU B 49 20.18 8.36 -14.84
CA LEU B 49 18.76 8.69 -14.91
C LEU B 49 18.07 8.50 -13.57
N GLY B 50 18.74 7.85 -12.63
CA GLY B 50 18.25 7.75 -11.25
C GLY B 50 16.83 7.25 -11.11
N ASP B 51 16.00 7.95 -10.33
CA ASP B 51 14.66 7.47 -10.04
C ASP B 51 13.65 7.82 -11.14
N GLN B 52 14.15 8.21 -12.31
CA GLN B 52 13.28 8.37 -13.46
C GLN B 52 12.89 6.99 -14.03
N ILE B 53 13.58 5.97 -13.57
CA ILE B 53 13.29 4.60 -13.99
C ILE B 53 12.78 3.78 -12.83
N LEU B 54 11.78 2.95 -13.08
CA LEU B 54 11.35 1.98 -12.08
C LEU B 54 11.79 0.57 -12.50
N PHE B 55 12.30 -0.18 -11.53
CA PHE B 55 12.81 -1.53 -11.77
C PHE B 55 11.94 -2.58 -11.09
N VAL B 56 11.55 -3.60 -11.84
CA VAL B 56 10.92 -4.77 -11.25
C VAL B 56 11.82 -5.97 -11.46
N ASN B 57 12.01 -6.75 -10.40
CA ASN B 57 12.75 -7.99 -10.46
C ASN B 57 11.85 -9.18 -10.72
N ARG B 58 12.17 -9.96 -11.75
CA ARG B 58 11.45 -11.21 -11.97
C ARG B 58 12.11 -12.28 -11.12
N PRO B 59 11.44 -13.43 -10.95
CA PRO B 59 12.02 -14.61 -10.29
C PRO B 59 13.34 -15.11 -10.89
N ASP B 60 13.56 -14.93 -12.19
CA ASP B 60 14.83 -15.35 -12.78
C ASP B 60 15.92 -14.28 -12.64
N LYS B 61 15.61 -13.25 -11.86
CA LYS B 61 16.48 -12.11 -11.57
C LYS B 61 16.76 -11.20 -12.78
N LYS B 62 16.01 -11.36 -13.86
CA LYS B 62 16.03 -10.37 -14.93
C LYS B 62 15.27 -9.12 -14.47
N LYS B 63 15.75 -7.95 -14.87
CA LYS B 63 15.16 -6.69 -14.45
C LYS B 63 14.32 -6.09 -15.55
N ILE B 64 13.16 -5.55 -15.18
CA ILE B 64 12.31 -4.87 -16.14
C ILE B 64 12.27 -3.38 -15.83
N LEU B 65 12.33 -2.55 -16.88
CA LEU B 65 12.39 -1.10 -16.71
C LEU B 65 11.08 -0.45 -17.13
N PHE B 66 10.66 0.52 -16.32
CA PHE B 66 9.44 1.31 -16.55
C PHE B 66 9.76 2.77 -16.31
N PHE B 67 9.16 3.64 -17.12
CA PHE B 67 9.22 5.05 -16.84
C PHE B 67 8.57 5.34 -15.48
N ASN B 68 9.22 6.13 -14.65
CA ASN B 68 8.60 6.60 -13.41
C ASN B 68 7.86 7.89 -13.64
N ASP B 69 6.54 7.82 -13.73
CA ASP B 69 5.72 9.02 -13.69
C ASP B 69 5.58 9.51 -12.25
N LYS B 70 6.12 10.68 -11.98
CA LYS B 70 6.12 11.21 -10.63
C LYS B 70 4.90 12.09 -10.34
N SER B 71 3.92 12.06 -11.24
CA SER B 71 2.69 12.82 -11.04
C SER B 71 2.00 12.30 -9.80
N CYS B 72 1.69 11.02 -9.81
CA CYS B 72 1.25 10.39 -8.58
C CYS B 72 2.50 9.86 -7.89
N GLN B 73 2.82 10.51 -6.79
CA GLN B 73 3.83 10.09 -5.85
C GLN B 73 3.21 10.22 -4.48
N PHE B 74 3.19 9.13 -3.73
CA PHE B 74 2.66 9.16 -2.37
C PHE B 74 3.32 8.06 -1.59
N SER B 75 3.71 8.34 -0.36
CA SER B 75 4.35 7.32 0.45
C SER B 75 4.16 7.55 1.95
N VAL B 76 4.22 6.47 2.72
CA VAL B 76 4.10 6.55 4.18
C VAL B 76 5.19 5.71 4.86
N ASP B 77 5.46 6.01 6.13
CA ASP B 77 6.31 5.18 6.97
C ASP B 77 5.94 3.71 6.85
N GLU B 78 6.94 2.84 6.91
CA GLU B 78 6.67 1.41 6.78
C GLU B 78 5.81 0.88 7.94
N GLU B 79 5.89 1.50 9.11
CA GLU B 79 4.99 1.11 10.21
C GLU B 79 3.51 1.26 9.79
N PHE B 80 3.20 2.31 9.05
CA PHE B 80 1.86 2.48 8.50
C PHE B 80 1.57 1.50 7.38
N GLN B 81 2.60 1.09 6.64
CA GLN B 81 2.40 0.06 5.62
C GLN B 81 2.07 -1.26 6.29
N LYS B 82 2.78 -1.59 7.36
CA LYS B 82 2.55 -2.87 7.99
C LYS B 82 1.20 -2.86 8.70
N LEU B 83 0.86 -1.72 9.28
CA LEU B 83 -0.43 -1.52 9.93
C LEU B 83 -1.58 -1.71 8.94
N TRP B 84 -1.43 -1.12 7.75
CA TRP B 84 -2.44 -1.27 6.71
C TRP B 84 -2.65 -2.74 6.38
N ARG B 85 -1.55 -3.47 6.22
CA ARG B 85 -1.61 -4.89 5.93
C ARG B 85 -2.28 -5.69 7.05
N SER B 86 -2.19 -5.20 8.28
CA SER B 86 -2.69 -5.93 9.42
C SER B 86 -4.22 -5.84 9.54
N VAL B 87 -4.84 -4.96 8.76
CA VAL B 87 -6.30 -4.89 8.76
C VAL B 87 -6.84 -5.77 7.64
N THR B 88 -7.27 -6.96 8.01
CA THR B 88 -7.75 -7.99 7.08
C THR B 88 -9.08 -7.66 6.43
N VAL B 89 -9.17 -7.77 5.11
CA VAL B 89 -10.45 -7.61 4.44
C VAL B 89 -10.74 -8.74 3.47
N ASP B 90 -9.75 -9.60 3.22
CA ASP B 90 -9.91 -10.63 2.19
C ASP B 90 -10.94 -11.68 2.58
N SER B 91 -11.10 -11.89 3.88
CA SER B 91 -12.05 -12.87 4.37
C SER B 91 -13.46 -12.28 4.54
N MET B 92 -13.60 -10.98 4.33
CA MET B 92 -14.85 -10.27 4.62
C MET B 92 -15.78 -10.07 3.45
N ASP B 93 -17.06 -10.26 3.72
CA ASP B 93 -18.15 -9.87 2.84
C ASP B 93 -18.10 -8.37 2.61
N GLU B 94 -18.42 -7.93 1.40
CA GLU B 94 -18.44 -6.50 1.10
C GLU B 94 -19.51 -5.81 1.93
N GLU B 95 -20.61 -6.52 2.15
CA GLU B 95 -21.73 -6.00 2.95
C GLU B 95 -21.25 -5.72 4.36
N LYS B 96 -20.45 -6.64 4.90
CA LYS B 96 -19.92 -6.50 6.25
C LYS B 96 -19.05 -5.26 6.38
N ILE B 97 -18.29 -4.94 5.33
CA ILE B 97 -17.46 -3.73 5.31
C ILE B 97 -18.35 -2.49 5.39
N GLU B 98 -19.40 -2.47 4.57
CA GLU B 98 -20.36 -1.38 4.59
C GLU B 98 -21.06 -1.24 5.94
N GLU B 99 -21.35 -2.36 6.59
CA GLU B 99 -22.02 -2.30 7.89
C GLU B 99 -21.11 -1.56 8.86
N TYR B 100 -19.83 -1.92 8.86
CA TYR B 100 -18.86 -1.28 9.72
C TYR B 100 -18.82 0.22 9.54
N LEU B 101 -18.73 0.64 8.27
CA LEU B 101 -18.67 2.05 7.94
C LEU B 101 -19.91 2.79 8.49
N LYS B 102 -21.08 2.18 8.33
CA LYS B 102 -22.29 2.81 8.86
C LYS B 102 -22.32 2.82 10.38
N ARG B 103 -21.98 1.70 11.01
CA ARG B 103 -21.82 1.63 12.47
C ARG B 103 -20.97 2.79 13.02
N GLN B 104 -19.90 3.15 12.32
CA GLN B 104 -18.98 4.18 12.80
C GLN B 104 -19.36 5.57 12.31
N GLY B 105 -20.38 5.65 11.47
CA GLY B 105 -20.86 6.93 10.97
C GLY B 105 -20.18 7.45 9.73
N ILE B 106 -19.64 6.56 8.91
CA ILE B 106 -18.94 6.94 7.68
C ILE B 106 -19.40 6.11 6.48
#